data_8Z31
#
_entry.id   8Z31
#
_cell.length_a   71.627
_cell.length_b   71.627
_cell.length_c   45.402
_cell.angle_alpha   90.00
_cell.angle_beta   90.00
_cell.angle_gamma   90.00
#
_symmetry.space_group_name_H-M   'P 41'
#
loop_
_entity.id
_entity.type
_entity.pdbx_description
1 polymer 'Egl nine homolog 1'
2 non-polymer 'FE (II) ION'
3 non-polymer 'SULFATE ION'
4 non-polymer 'CHLORIDE ION'
5 non-polymer '2-[(2,6-dimethyl-5-oxidanyl-pyrimidin-4-yl)carbonylamino]ethanoic acid'
6 water water
#
_entity_poly.entity_id   1
_entity_poly.type   'polypeptide(L)'
_entity_poly.pdbx_seq_one_letter_code
;MAHHHHHHLPALKLALEYIVPCMNKHGICVVDDFLGKETGQQIGDEVRALHDTGKFTDGQLVSQKSDSSKDIRGDKITWI
EGKEPGCETIGLLMSSMDDLIRHCNGKLGSYKINGRTKAMVACYPGNGTGYVRHVDNPNGDGRCVTCIYYLNKDWDAKVS
GGILRIFPEGKAQFADIEPKFDRLLFFWSDRRNPHEVQPAYATRYAITVWYFDADERARAKVKY
;
_entity_poly.pdbx_strand_id   A
#
loop_
_chem_comp.id
_chem_comp.type
_chem_comp.name
_chem_comp.formula
A1L0U non-polymer '2-[(2,6-dimethyl-5-oxidanyl-pyrimidin-4-yl)carbonylamino]ethanoic acid' 'C9 H11 N3 O4'
CL non-polymer 'CHLORIDE ION' 'Cl -1'
FE2 non-polymer 'FE (II) ION' 'Fe 2'
SO4 non-polymer 'SULFATE ION' 'O4 S -2'
#
# COMPACT_ATOMS: atom_id res chain seq x y z
N HIS A 3 3.79 -24.70 0.25
CA HIS A 3 3.11 -25.97 0.65
C HIS A 3 1.92 -26.22 -0.27
N HIS A 4 1.89 -27.42 -0.86
CA HIS A 4 1.03 -27.74 -1.98
C HIS A 4 -0.42 -27.96 -1.53
N HIS A 5 -0.68 -27.79 -0.22
CA HIS A 5 -2.02 -27.94 0.30
C HIS A 5 -2.79 -26.61 0.22
N HIS A 6 -2.05 -25.53 -0.05
CA HIS A 6 -2.63 -24.20 -0.14
C HIS A 6 -2.84 -23.82 -1.61
N HIS A 7 -3.89 -23.03 -1.86
CA HIS A 7 -4.31 -22.69 -3.22
C HIS A 7 -4.78 -21.24 -3.25
N HIS A 8 -4.43 -20.52 -4.31
CA HIS A 8 -4.73 -19.09 -4.41
C HIS A 8 -6.21 -18.87 -4.69
N LEU A 9 -6.81 -17.94 -3.94
CA LEU A 9 -8.13 -17.39 -4.25
C LEU A 9 -8.01 -16.61 -5.56
N PRO A 10 -8.88 -16.87 -6.56
CA PRO A 10 -9.00 -15.98 -7.72
C PRO A 10 -9.35 -14.57 -7.26
N ALA A 11 -8.94 -13.57 -8.05
CA ALA A 11 -9.14 -12.16 -7.75
C ALA A 11 -10.61 -11.87 -7.44
N LEU A 12 -11.52 -12.44 -8.25
CA LEU A 12 -12.95 -12.21 -8.08
C LEU A 12 -13.40 -12.67 -6.70
N LYS A 13 -12.91 -13.85 -6.29
CA LYS A 13 -13.30 -14.47 -5.03
C LYS A 13 -12.79 -13.64 -3.86
N LEU A 14 -11.51 -13.24 -3.93
CA LEU A 14 -10.90 -12.46 -2.86
C LEU A 14 -11.62 -11.11 -2.73
N ALA A 15 -11.96 -10.50 -3.88
CA ALA A 15 -12.60 -9.20 -3.90
C ALA A 15 -13.98 -9.26 -3.24
N LEU A 16 -14.82 -10.22 -3.67
CA LEU A 16 -16.23 -10.21 -3.30
C LEU A 16 -16.45 -10.87 -1.95
N GLU A 17 -15.61 -11.86 -1.60
CA GLU A 17 -15.79 -12.59 -0.36
C GLU A 17 -15.11 -11.88 0.80
N TYR A 18 -14.13 -11.01 0.51
CA TYR A 18 -13.33 -10.44 1.59
C TYR A 18 -13.14 -8.93 1.47
N ILE A 19 -12.52 -8.48 0.38
CA ILE A 19 -12.09 -7.10 0.28
C ILE A 19 -13.29 -6.15 0.35
N VAL A 20 -14.33 -6.42 -0.43
CA VAL A 20 -15.49 -5.55 -0.50
C VAL A 20 -16.16 -5.43 0.87
N PRO A 21 -16.60 -6.55 1.51
CA PRO A 21 -17.27 -6.45 2.80
C PRO A 21 -16.40 -5.83 3.90
N CYS A 22 -15.12 -6.21 3.91
CA CYS A 22 -14.18 -5.73 4.91
C CYS A 22 -14.00 -4.21 4.79
N MET A 23 -13.90 -3.71 3.55
CA MET A 23 -13.71 -2.30 3.30
C MET A 23 -14.96 -1.51 3.71
N ASN A 24 -16.14 -2.02 3.33
CA ASN A 24 -17.38 -1.32 3.61
C ASN A 24 -17.69 -1.32 5.11
N LYS A 25 -17.21 -2.35 5.82
CA LYS A 25 -17.48 -2.48 7.25
C LYS A 25 -16.44 -1.71 8.07
N HIS A 26 -15.17 -1.81 7.68
CA HIS A 26 -14.09 -1.40 8.58
C HIS A 26 -13.23 -0.30 7.96
N GLY A 27 -13.28 -0.16 6.63
CA GLY A 27 -12.51 0.86 5.93
C GLY A 27 -11.02 0.51 5.82
N ILE A 28 -10.68 -0.71 6.28
CA ILE A 28 -9.33 -1.25 6.28
C ILE A 28 -9.42 -2.73 5.95
N CYS A 29 -8.51 -3.22 5.11
CA CYS A 29 -8.50 -4.63 4.72
C CYS A 29 -7.06 -5.11 4.53
N VAL A 30 -6.69 -6.15 5.29
CA VAL A 30 -5.37 -6.75 5.22
C VAL A 30 -5.49 -8.11 4.52
N VAL A 31 -4.61 -8.33 3.53
CA VAL A 31 -4.55 -9.57 2.77
C VAL A 31 -3.12 -10.10 2.80
N ASP A 32 -2.92 -11.22 3.49
CA ASP A 32 -1.60 -11.84 3.56
C ASP A 32 -1.41 -12.82 2.41
N ASP A 33 -0.13 -13.11 2.10
CA ASP A 33 0.29 -14.07 1.09
C ASP A 33 -0.28 -13.73 -0.28
N PHE A 34 -0.14 -12.45 -0.68
CA PHE A 34 -0.78 -11.97 -1.89
C PHE A 34 -0.18 -12.60 -3.14
N LEU A 35 1.15 -12.61 -3.24
CA LEU A 35 1.82 -12.97 -4.48
C LEU A 35 2.65 -14.24 -4.34
N GLY A 36 2.95 -14.63 -3.10
CA GLY A 36 3.79 -15.80 -2.85
C GLY A 36 5.26 -15.42 -2.70
N LYS A 37 6.04 -16.38 -2.20
CA LYS A 37 7.41 -16.16 -1.74
C LYS A 37 8.33 -15.76 -2.89
N GLU A 38 8.22 -16.46 -4.02
CA GLU A 38 9.11 -16.25 -5.15
C GLU A 38 8.93 -14.83 -5.71
N THR A 39 7.66 -14.45 -5.94
CA THR A 39 7.35 -13.15 -6.52
C THR A 39 7.71 -12.04 -5.53
N GLY A 40 7.41 -12.28 -4.25
CA GLY A 40 7.68 -11.33 -3.18
C GLY A 40 9.17 -11.00 -3.06
N GLN A 41 10.01 -12.04 -3.11
CA GLN A 41 11.44 -11.90 -2.96
C GLN A 41 12.01 -11.15 -4.18
N GLN A 42 11.44 -11.42 -5.35
CA GLN A 42 11.85 -10.81 -6.60
C GLN A 42 11.58 -9.31 -6.57
N ILE A 43 10.43 -8.94 -5.99
CA ILE A 43 10.07 -7.54 -5.80
C ILE A 43 11.09 -6.91 -4.84
N GLY A 44 11.42 -7.65 -3.77
CA GLY A 44 12.45 -7.23 -2.82
C GLY A 44 13.76 -6.89 -3.50
N ASP A 45 14.16 -7.74 -4.46
CA ASP A 45 15.40 -7.58 -5.20
C ASP A 45 15.35 -6.30 -6.04
N GLU A 46 14.21 -6.07 -6.70
CA GLU A 46 14.04 -4.92 -7.58
C GLU A 46 14.09 -3.63 -6.77
N VAL A 47 13.44 -3.64 -5.59
CA VAL A 47 13.36 -2.47 -4.74
C VAL A 47 14.74 -2.16 -4.16
N ARG A 48 15.47 -3.19 -3.75
CA ARG A 48 16.82 -3.02 -3.20
C ARG A 48 17.75 -2.45 -4.27
N ALA A 49 17.53 -2.86 -5.53
CA ALA A 49 18.30 -2.39 -6.66
C ALA A 49 18.07 -0.89 -6.87
N LEU A 50 16.80 -0.46 -6.80
CA LEU A 50 16.43 0.94 -6.92
C LEU A 50 17.17 1.75 -5.84
N HIS A 51 17.21 1.20 -4.63
CA HIS A 51 17.84 1.84 -3.48
C HIS A 51 19.35 1.94 -3.71
N ASP A 52 19.96 0.82 -4.11
CA ASP A 52 21.41 0.71 -4.27
C ASP A 52 21.89 1.61 -5.42
N THR A 53 21.05 1.77 -6.44
CA THR A 53 21.45 2.53 -7.62
C THR A 53 21.07 4.01 -7.46
N GLY A 54 20.47 4.35 -6.32
CA GLY A 54 20.28 5.72 -5.89
C GLY A 54 19.13 6.42 -6.61
N LYS A 55 17.99 5.73 -6.71
CA LYS A 55 16.86 6.27 -7.46
C LYS A 55 15.84 6.93 -6.53
N PHE A 56 16.12 6.90 -5.22
CA PHE A 56 15.20 7.45 -4.23
C PHE A 56 15.50 8.91 -3.95
N THR A 57 14.44 9.68 -3.67
CA THR A 57 14.55 11.06 -3.21
C THR A 57 14.02 11.14 -1.78
N ASP A 58 14.70 11.91 -0.94
CA ASP A 58 14.31 12.01 0.47
C ASP A 58 12.98 12.74 0.58
N GLY A 59 12.11 12.24 1.48
CA GLY A 59 10.74 12.67 1.61
C GLY A 59 10.61 14.09 2.17
N GLN A 60 11.71 14.63 2.70
CA GLN A 60 11.70 15.96 3.30
C GLN A 60 11.76 17.02 2.20
N LEU A 61 12.01 16.58 0.96
CA LEU A 61 11.97 17.47 -0.19
C LEU A 61 10.61 17.42 -0.86
N VAL A 62 9.93 16.26 -0.75
CA VAL A 62 8.64 16.08 -1.42
C VAL A 62 7.56 16.83 -0.64
N SER A 63 7.79 17.00 0.66
CA SER A 63 6.87 17.72 1.54
C SER A 63 6.90 19.22 1.22
N ARG A 73 9.26 13.42 8.86
CA ARG A 73 9.32 12.24 7.96
C ARG A 73 10.77 11.99 7.55
N GLY A 74 11.22 10.75 7.71
CA GLY A 74 12.58 10.35 7.36
C GLY A 74 12.60 9.33 6.23
N ASP A 75 11.48 9.27 5.50
CA ASP A 75 11.31 8.35 4.38
C ASP A 75 12.08 8.87 3.17
N LYS A 76 12.25 7.99 2.18
CA LYS A 76 12.67 8.37 0.83
C LYS A 76 11.91 7.51 -0.16
N ILE A 77 11.59 8.08 -1.34
CA ILE A 77 10.63 7.46 -2.24
C ILE A 77 11.14 7.47 -3.68
N THR A 78 10.54 6.60 -4.49
CA THR A 78 10.72 6.61 -5.94
C THR A 78 9.40 6.20 -6.60
N TRP A 79 9.06 6.86 -7.70
CA TRP A 79 7.84 6.57 -8.46
C TRP A 79 8.16 5.58 -9.58
N ILE A 80 7.37 4.50 -9.65
CA ILE A 80 7.57 3.46 -10.65
C ILE A 80 6.29 3.29 -11.46
N GLU A 81 6.43 3.39 -12.79
CA GLU A 81 5.31 3.27 -13.71
C GLU A 81 4.99 1.80 -13.95
N GLY A 82 6.02 0.95 -13.94
CA GLY A 82 5.83 -0.50 -13.99
C GLY A 82 6.52 -1.17 -15.18
N LYS A 83 6.85 -0.38 -16.21
CA LYS A 83 7.39 -0.92 -17.45
C LYS A 83 8.89 -0.68 -17.55
N GLU A 84 9.46 0.03 -16.56
CA GLU A 84 10.87 0.36 -16.56
C GLU A 84 11.71 -0.92 -16.52
N PRO A 85 12.88 -0.96 -17.19
CA PRO A 85 13.82 -2.08 -17.04
C PRO A 85 14.18 -2.28 -15.58
N GLY A 86 14.08 -3.52 -15.11
CA GLY A 86 14.44 -3.88 -13.74
C GLY A 86 13.29 -3.71 -12.76
N CYS A 87 12.09 -3.41 -13.29
CA CYS A 87 10.92 -3.14 -12.46
C CYS A 87 9.74 -3.99 -12.90
N GLU A 88 10.05 -5.08 -13.64
CA GLU A 88 9.04 -5.93 -14.26
C GLU A 88 8.11 -6.55 -13.22
N THR A 89 8.68 -6.96 -12.08
CA THR A 89 7.92 -7.66 -11.05
C THR A 89 7.07 -6.66 -10.26
N ILE A 90 7.59 -5.44 -10.07
CA ILE A 90 6.81 -4.35 -9.50
C ILE A 90 5.60 -4.08 -10.40
N GLY A 91 5.84 -4.16 -11.73
CA GLY A 91 4.80 -4.03 -12.73
C GLY A 91 3.70 -5.08 -12.57
N LEU A 92 4.10 -6.32 -12.27
CA LEU A 92 3.18 -7.43 -12.09
C LEU A 92 2.37 -7.22 -10.82
N LEU A 93 3.01 -6.72 -9.76
CA LEU A 93 2.33 -6.39 -8.52
C LEU A 93 1.21 -5.38 -8.82
N MET A 94 1.54 -4.37 -9.62
CA MET A 94 0.63 -3.26 -9.91
C MET A 94 -0.57 -3.77 -10.70
N SER A 95 -0.33 -4.66 -11.67
CA SER A 95 -1.41 -5.21 -12.47
C SER A 95 -2.28 -6.14 -11.61
N SER A 96 -1.66 -6.77 -10.61
CA SER A 96 -2.37 -7.66 -9.69
C SER A 96 -3.29 -6.85 -8.79
N MET A 97 -2.80 -5.68 -8.35
CA MET A 97 -3.58 -4.74 -7.56
C MET A 97 -4.80 -4.27 -8.37
N ASP A 98 -4.56 -3.93 -9.64
CA ASP A 98 -5.58 -3.43 -10.54
C ASP A 98 -6.69 -4.47 -10.71
N ASP A 99 -6.29 -5.74 -10.82
CA ASP A 99 -7.21 -6.85 -11.03
C ASP A 99 -8.21 -6.95 -9.88
N LEU A 100 -7.71 -6.83 -8.64
CA LEU A 100 -8.55 -6.89 -7.45
C LEU A 100 -9.55 -5.74 -7.45
N ILE A 101 -9.06 -4.53 -7.71
CA ILE A 101 -9.89 -3.34 -7.69
C ILE A 101 -10.98 -3.45 -8.75
N ARG A 102 -10.61 -3.98 -9.92
CA ARG A 102 -11.54 -4.16 -11.03
C ARG A 102 -12.73 -5.01 -10.59
N HIS A 103 -12.44 -6.09 -9.84
CA HIS A 103 -13.45 -7.04 -9.42
C HIS A 103 -14.28 -6.48 -8.26
N CYS A 104 -13.77 -5.44 -7.61
CA CYS A 104 -14.53 -4.73 -6.60
C CYS A 104 -15.62 -3.88 -7.26
N ASN A 105 -15.65 -3.94 -8.61
CA ASN A 105 -16.72 -3.40 -9.43
C ASN A 105 -17.00 -1.97 -8.99
N GLY A 106 -18.27 -1.69 -8.68
CA GLY A 106 -18.68 -0.46 -8.02
C GLY A 106 -19.32 -0.78 -6.68
N LYS A 107 -18.59 -1.53 -5.85
CA LYS A 107 -19.10 -2.04 -4.59
C LYS A 107 -18.34 -1.42 -3.42
N LEU A 108 -17.23 -0.74 -3.72
CA LEU A 108 -16.47 -0.01 -2.73
C LEU A 108 -17.16 1.33 -2.48
N GLY A 109 -18.06 1.35 -1.48
CA GLY A 109 -18.88 2.51 -1.21
C GLY A 109 -19.68 2.93 -2.44
N SER A 110 -19.64 4.22 -2.76
CA SER A 110 -20.29 4.76 -3.94
C SER A 110 -19.26 5.25 -4.94
N TYR A 111 -18.03 4.72 -4.84
CA TYR A 111 -16.94 5.14 -5.70
C TYR A 111 -17.04 4.44 -7.06
N LYS A 112 -16.56 5.14 -8.08
CA LYS A 112 -16.33 4.57 -9.40
C LYS A 112 -14.88 4.83 -9.82
N ILE A 113 -14.05 3.81 -9.61
CA ILE A 113 -12.61 3.91 -9.82
C ILE A 113 -12.31 3.73 -11.30
N ASN A 114 -11.57 4.69 -11.87
CA ASN A 114 -11.29 4.71 -13.30
C ASN A 114 -9.81 4.91 -13.57
N GLY A 115 -9.01 5.01 -12.50
CA GLY A 115 -7.58 5.26 -12.65
C GLY A 115 -6.84 5.16 -11.31
N ARG A 116 -5.52 5.36 -11.38
CA ARG A 116 -4.66 5.30 -10.21
C ARG A 116 -3.38 6.09 -10.46
N THR A 117 -2.63 6.31 -9.38
CA THR A 117 -1.27 6.84 -9.44
C THR A 117 -0.34 5.74 -9.94
N LYS A 118 0.90 6.14 -10.27
CA LYS A 118 1.98 5.18 -10.41
C LYS A 118 2.30 4.64 -9.01
N ALA A 119 3.25 3.70 -8.94
CA ALA A 119 3.61 3.11 -7.65
C ALA A 119 4.65 3.97 -6.93
N MET A 120 4.38 4.29 -5.67
CA MET A 120 5.34 4.98 -4.82
C MET A 120 6.05 3.94 -3.97
N VAL A 121 7.32 3.66 -4.33
CA VAL A 121 8.17 2.79 -3.53
C VAL A 121 8.78 3.65 -2.42
N ALA A 122 8.58 3.22 -1.18
CA ALA A 122 9.05 4.01 -0.04
C ALA A 122 10.04 3.18 0.78
N CYS A 123 11.08 3.87 1.28
CA CYS A 123 12.07 3.26 2.14
C CYS A 123 12.21 4.08 3.41
N TYR A 124 12.07 3.41 4.56
CA TYR A 124 12.45 3.95 5.85
C TYR A 124 13.77 3.29 6.25
N PRO A 125 14.91 4.02 6.18
CA PRO A 125 16.24 3.41 6.27
C PRO A 125 16.67 3.12 7.70
N GLY A 126 15.78 2.50 8.47
CA GLY A 126 16.01 2.26 9.89
C GLY A 126 16.31 3.56 10.63
N ASN A 127 17.18 3.47 11.63
CA ASN A 127 17.72 4.63 12.33
C ASN A 127 16.60 5.43 12.99
N GLY A 128 15.46 4.77 13.24
CA GLY A 128 14.36 5.36 13.98
C GLY A 128 13.43 6.20 13.11
N THR A 129 13.58 6.08 11.78
CA THR A 129 12.78 6.85 10.85
C THR A 129 11.36 6.31 10.79
N GLY A 130 10.40 7.22 10.60
CA GLY A 130 8.99 6.89 10.48
C GLY A 130 8.22 8.00 9.77
N TYR A 131 6.90 8.03 9.98
CA TYR A 131 6.05 9.04 9.37
C TYR A 131 4.97 9.43 10.37
N VAL A 132 4.90 10.74 10.67
CA VAL A 132 3.98 11.27 11.66
C VAL A 132 2.53 11.05 11.20
N ARG A 133 1.61 11.08 12.17
CA ARG A 133 0.20 10.92 11.91
C ARG A 133 -0.23 11.89 10.81
N HIS A 134 -0.93 11.35 9.80
CA HIS A 134 -1.37 12.12 8.65
C HIS A 134 -2.57 11.45 7.98
N VAL A 135 -3.27 12.23 7.15
CA VAL A 135 -4.27 11.72 6.24
C VAL A 135 -3.71 11.81 4.82
N ASP A 136 -3.84 10.73 4.04
CA ASP A 136 -3.33 10.68 2.68
C ASP A 136 -3.97 11.76 1.82
N ASN A 137 -5.31 11.78 1.80
CA ASN A 137 -6.07 12.69 0.96
C ASN A 137 -7.04 13.49 1.83
N PRO A 138 -6.59 14.59 2.47
CA PRO A 138 -7.47 15.42 3.29
C PRO A 138 -8.27 16.49 2.53
N ASN A 139 -7.83 16.80 1.29
CA ASN A 139 -8.34 17.97 0.58
C ASN A 139 -9.11 17.55 -0.67
N GLY A 140 -9.63 16.32 -0.69
CA GLY A 140 -10.43 15.82 -1.79
C GLY A 140 -9.74 15.92 -3.15
N ASP A 141 -8.60 15.25 -3.28
CA ASP A 141 -7.77 15.35 -4.47
C ASP A 141 -8.09 14.23 -5.46
N GLY A 142 -9.07 13.38 -5.12
CA GLY A 142 -9.55 12.36 -6.03
C GLY A 142 -9.23 10.94 -5.57
N ARG A 143 -8.25 10.80 -4.67
CA ARG A 143 -7.77 9.50 -4.22
C ARG A 143 -8.72 8.94 -3.17
N CYS A 144 -9.27 7.74 -3.45
CA CYS A 144 -10.29 7.16 -2.58
C CYS A 144 -9.76 5.94 -1.83
N VAL A 145 -8.87 5.15 -2.45
CA VAL A 145 -8.35 3.94 -1.85
C VAL A 145 -6.83 3.93 -1.90
N THR A 146 -6.20 3.75 -0.72
CA THR A 146 -4.77 3.49 -0.61
C THR A 146 -4.53 1.99 -0.62
N CYS A 147 -3.57 1.55 -1.44
CA CYS A 147 -3.22 0.15 -1.54
C CYS A 147 -1.71 0.01 -1.34
N ILE A 148 -1.31 -0.72 -0.29
CA ILE A 148 0.10 -0.85 0.06
C ILE A 148 0.51 -2.32 0.06
N TYR A 149 1.69 -2.60 -0.52
CA TYR A 149 2.29 -3.91 -0.50
C TYR A 149 3.62 -3.85 0.26
N TYR A 150 3.82 -4.79 1.20
CA TYR A 150 5.04 -4.86 1.97
C TYR A 150 5.88 -6.05 1.51
N LEU A 151 7.22 -5.89 1.58
CA LEU A 151 8.11 -6.92 1.06
C LEU A 151 9.31 -7.14 1.98
N ASN A 152 9.07 -7.02 3.30
CA ASN A 152 10.13 -7.12 4.29
C ASN A 152 10.21 -8.53 4.85
N LYS A 153 11.19 -9.30 4.35
CA LYS A 153 11.43 -10.68 4.73
C LYS A 153 11.71 -10.78 6.23
N ASP A 154 10.94 -11.66 6.90
CA ASP A 154 11.09 -11.99 8.30
C ASP A 154 11.13 -10.73 9.17
N TRP A 155 10.18 -9.81 8.94
CA TRP A 155 10.09 -8.61 9.74
C TRP A 155 9.60 -8.97 11.14
N ASP A 156 10.33 -8.47 12.14
CA ASP A 156 9.99 -8.67 13.54
C ASP A 156 9.80 -7.30 14.19
N ALA A 157 8.53 -6.89 14.33
CA ALA A 157 8.17 -5.55 14.78
C ALA A 157 8.51 -5.36 16.26
N LYS A 158 8.67 -6.47 16.98
CA LYS A 158 9.07 -6.43 18.39
C LYS A 158 10.47 -5.83 18.53
N VAL A 159 11.28 -6.00 17.47
CA VAL A 159 12.67 -5.55 17.49
C VAL A 159 12.83 -4.38 16.53
N SER A 160 12.18 -4.46 15.36
CA SER A 160 12.44 -3.55 14.26
C SER A 160 11.42 -2.41 14.21
N GLY A 161 10.30 -2.57 14.93
CA GLY A 161 9.24 -1.57 14.96
C GLY A 161 8.56 -1.44 13.60
N GLY A 162 8.36 -0.19 13.16
CA GLY A 162 7.87 0.11 11.83
C GLY A 162 6.40 -0.25 11.60
N ILE A 163 5.64 -0.37 12.69
CA ILE A 163 4.22 -0.68 12.60
C ILE A 163 3.49 0.49 11.96
N LEU A 164 2.60 0.20 11.00
CA LEU A 164 1.62 1.17 10.57
C LEU A 164 0.43 1.10 11.53
N ARG A 165 0.18 2.21 12.23
CA ARG A 165 -0.98 2.30 13.10
C ARG A 165 -2.00 3.20 12.42
N ILE A 166 -3.22 2.67 12.25
CA ILE A 166 -4.31 3.40 11.62
C ILE A 166 -5.35 3.68 12.70
N PHE A 167 -5.84 4.92 12.74
CA PHE A 167 -6.81 5.34 13.73
C PHE A 167 -8.13 5.67 13.03
N PRO A 168 -8.97 4.67 12.68
CA PRO A 168 -10.21 4.93 11.94
C PRO A 168 -11.08 5.94 12.70
N GLU A 169 -11.55 6.95 11.96
CA GLU A 169 -12.29 8.07 12.53
C GLU A 169 -13.58 7.55 13.18
N GLY A 170 -13.76 7.90 14.46
CA GLY A 170 -14.99 7.63 15.17
C GLY A 170 -15.22 6.15 15.44
N LYS A 171 -14.13 5.41 15.64
CA LYS A 171 -14.22 4.01 16.01
C LYS A 171 -13.49 3.80 17.35
N ALA A 172 -13.98 2.80 18.11
CA ALA A 172 -13.45 2.51 19.43
C ALA A 172 -12.25 1.58 19.33
N GLN A 173 -11.78 1.33 18.10
CA GLN A 173 -10.63 0.47 17.85
C GLN A 173 -9.65 1.16 16.90
N PHE A 174 -8.39 0.75 16.98
CA PHE A 174 -7.36 1.14 16.02
C PHE A 174 -6.71 -0.13 15.47
N ALA A 175 -5.98 0.02 14.35
CA ALA A 175 -5.37 -1.13 13.70
C ALA A 175 -3.85 -1.01 13.71
N ASP A 176 -3.18 -2.10 14.10
CA ASP A 176 -1.74 -2.20 14.00
C ASP A 176 -1.39 -3.16 12.87
N ILE A 177 -0.72 -2.63 11.84
CA ILE A 177 -0.37 -3.41 10.67
C ILE A 177 1.15 -3.53 10.60
N GLU A 178 1.67 -4.72 10.88
CA GLU A 178 3.10 -5.00 10.71
C GLU A 178 3.42 -5.00 9.22
N PRO A 179 4.58 -4.44 8.80
CA PRO A 179 4.95 -4.37 7.39
C PRO A 179 5.51 -5.70 6.87
N LYS A 180 4.65 -6.73 6.95
CA LYS A 180 5.03 -8.12 6.81
C LYS A 180 5.25 -8.45 5.33
N PHE A 181 6.23 -9.33 5.08
CA PHE A 181 6.52 -9.83 3.75
C PHE A 181 5.24 -10.35 3.08
N ASP A 182 4.98 -9.84 1.87
CA ASP A 182 3.94 -10.33 0.97
C ASP A 182 2.54 -9.96 1.48
N ARG A 183 2.46 -8.91 2.30
CA ARG A 183 1.19 -8.43 2.83
C ARG A 183 0.68 -7.28 1.96
N LEU A 184 -0.60 -7.36 1.60
CA LEU A 184 -1.30 -6.30 0.87
C LEU A 184 -2.31 -5.64 1.80
N LEU A 185 -2.43 -4.31 1.70
CA LEU A 185 -3.29 -3.52 2.57
C LEU A 185 -4.09 -2.52 1.73
N PHE A 186 -5.39 -2.42 2.04
CA PHE A 186 -6.27 -1.39 1.51
C PHE A 186 -6.88 -0.59 2.66
N PHE A 187 -7.01 0.73 2.47
CA PHE A 187 -7.80 1.57 3.36
C PHE A 187 -8.30 2.82 2.63
N TRP A 188 -9.40 3.40 3.13
CA TRP A 188 -9.90 4.67 2.59
C TRP A 188 -8.83 5.74 2.79
N SER A 189 -8.57 6.50 1.72
CA SER A 189 -7.47 7.47 1.68
C SER A 189 -7.84 8.77 2.39
N ASP A 190 -9.13 8.99 2.65
CA ASP A 190 -9.60 10.27 3.14
C ASP A 190 -9.45 10.32 4.66
N ARG A 191 -10.15 11.29 5.28
CA ARG A 191 -10.00 11.64 6.68
C ARG A 191 -10.45 10.50 7.60
N ARG A 192 -11.08 9.48 7.01
CA ARG A 192 -11.57 8.34 7.79
C ARG A 192 -10.42 7.55 8.38
N ASN A 193 -9.23 7.63 7.77
CA ASN A 193 -8.10 6.83 8.21
C ASN A 193 -6.84 7.67 8.38
N PRO A 194 -6.70 8.48 9.47
CA PRO A 194 -5.41 9.03 9.86
C PRO A 194 -4.52 7.86 10.26
N HIS A 195 -3.21 7.96 9.94
CA HIS A 195 -2.28 6.87 10.20
C HIS A 195 -0.86 7.39 10.38
N GLU A 196 -0.03 6.56 11.01
CA GLU A 196 1.36 6.89 11.29
C GLU A 196 2.22 5.65 11.08
N VAL A 197 3.45 5.87 10.61
CA VAL A 197 4.46 4.81 10.60
C VAL A 197 5.35 5.03 11.82
N GLN A 198 5.33 4.06 12.73
CA GLN A 198 6.12 4.12 13.94
C GLN A 198 7.59 3.92 13.60
N PRO A 199 8.54 4.43 14.43
CA PRO A 199 9.97 4.34 14.13
C PRO A 199 10.41 2.94 13.74
N ALA A 200 11.18 2.86 12.66
CA ALA A 200 11.72 1.61 12.15
C ALA A 200 13.21 1.52 12.51
N TYR A 201 13.64 0.34 12.95
CA TYR A 201 15.01 0.10 13.37
C TYR A 201 15.68 -0.93 12.48
N ALA A 202 15.06 -1.14 11.31
CA ALA A 202 15.62 -1.89 10.19
C ALA A 202 15.09 -1.29 8.90
N THR A 203 15.75 -1.60 7.77
CA THR A 203 15.33 -1.10 6.48
C THR A 203 13.92 -1.60 6.19
N ARG A 204 12.99 -0.66 5.94
CA ARG A 204 11.58 -0.96 5.77
C ARG A 204 11.12 -0.46 4.41
N TYR A 205 10.65 -1.39 3.57
CA TYR A 205 10.17 -1.05 2.23
C TYR A 205 8.66 -1.30 2.13
N ALA A 206 8.01 -0.45 1.32
CA ALA A 206 6.61 -0.59 0.99
C ALA A 206 6.39 -0.01 -0.41
N ILE A 207 5.35 -0.49 -1.09
CA ILE A 207 4.96 0.03 -2.40
C ILE A 207 3.48 0.40 -2.35
N THR A 208 3.19 1.67 -2.69
CA THR A 208 1.84 2.20 -2.57
C THR A 208 1.32 2.68 -3.92
N VAL A 209 0.05 2.36 -4.18
CA VAL A 209 -0.72 2.96 -5.26
C VAL A 209 -1.98 3.56 -4.65
N TRP A 210 -2.43 4.70 -5.21
CA TRP A 210 -3.70 5.29 -4.83
C TRP A 210 -4.66 5.22 -6.02
N TYR A 211 -5.88 4.76 -5.74
CA TYR A 211 -6.93 4.66 -6.74
C TYR A 211 -7.82 5.90 -6.70
N PHE A 212 -8.20 6.37 -7.89
CA PHE A 212 -8.99 7.59 -8.05
C PHE A 212 -10.47 7.25 -8.21
N ASP A 213 -11.31 8.06 -7.57
CA ASP A 213 -12.73 8.12 -7.88
C ASP A 213 -12.92 9.11 -9.03
N ALA A 214 -13.69 8.70 -10.04
CA ALA A 214 -13.84 9.45 -11.28
C ALA A 214 -14.30 10.88 -10.99
N ASP A 215 -15.38 11.02 -10.21
CA ASP A 215 -16.02 12.31 -10.01
C ASP A 215 -15.13 13.23 -9.17
N GLU A 216 -14.57 12.67 -8.09
CA GLU A 216 -13.75 13.46 -7.17
C GLU A 216 -12.49 13.94 -7.89
N ARG A 217 -11.90 13.05 -8.70
CA ARG A 217 -10.70 13.35 -9.47
C ARG A 217 -11.01 14.44 -10.50
N ALA A 218 -12.19 14.35 -11.12
CA ALA A 218 -12.63 15.33 -12.11
C ALA A 218 -12.83 16.70 -11.46
N ARG A 219 -13.50 16.71 -10.30
CA ARG A 219 -13.83 17.94 -9.60
C ARG A 219 -12.58 18.54 -8.96
N ALA A 220 -11.53 17.72 -8.84
CA ALA A 220 -10.28 18.14 -8.23
C ALA A 220 -9.55 19.14 -9.11
N LYS A 221 -9.41 18.82 -10.41
CA LYS A 221 -8.63 19.63 -11.32
C LYS A 221 -9.52 20.57 -12.12
N VAL A 222 -10.77 20.17 -12.36
CA VAL A 222 -11.73 21.02 -13.06
C VAL A 222 -12.33 22.01 -12.05
FE FE2 B . 0.09 7.58 4.32
S SO4 C . -3.17 -23.06 -6.96
O1 SO4 C . -3.03 -21.71 -6.48
O2 SO4 C . -4.57 -23.42 -6.97
O3 SO4 C . -2.66 -23.14 -8.30
O4 SO4 C . -2.45 -23.96 -6.11
CL CL D . -16.72 -9.00 10.91
C7 A1L0U E . 2.22 5.95 4.64
C1 A1L0U E . 2.37 9.03 2.70
C2 A1L0U E . 2.78 7.04 3.79
C3 A1L0U E . 4.07 7.06 3.34
C4 A1L0U E . 4.48 8.12 2.58
C5 A1L0U E . 5.89 8.22 2.06
C6 A1L0U E . 1.43 10.13 2.33
O2 A1L0U E . 1.11 6.11 5.15
O3 A1L0U E . 4.40 2.48 4.72
O4 A1L0U E . 2.98 1.46 6.09
O1 A1L0U E . 5.00 6.10 3.63
N1 A1L0U E . 3.63 9.09 2.25
N2 A1L0U E . 1.89 8.03 3.46
N3 A1L0U E . 2.92 4.81 4.70
C8 A1L0U E . 2.40 3.62 5.35
C9 A1L0U E . 3.35 2.42 5.39
#